data_1H7P
#
_entry.id   1H7P
#
_cell.length_a   104.300
_cell.length_b   104.300
_cell.length_c   167.800
_cell.angle_alpha   90.00
_cell.angle_beta   90.00
_cell.angle_gamma   90.00
#
_symmetry.space_group_name_H-M   'I 4 2 2'
#
loop_
_entity.id
_entity.type
_entity.pdbx_description
1 polymer '5-AMINOLAEVULINIC ACID DEHYDRATASE'
2 non-polymer '5-AMINO-4-HYDROXYHEXANOIC ACID'
3 non-polymer 'ZINC ION'
4 water water
#
_entity_poly.entity_id   1
_entity_poly.type   'polypeptide(L)'
_entity_poly.pdbx_seq_one_letter_code
;MHTAEFLETEPTEISSVLAGGYNHPLLRQWQSERQLTKNMLIFPLFISDNPDDFTEIDSLPNINRIGVNRLKDYLKPLVA
KGLRSVILFGVPLIPGTKDPVGTAADDPAGPVIQGIKFIREYFPELYIICDVCLCEYTSHGHCGVLYDDGTINRERSVSR
LAAVAVNYAKAGAHCVAPSDMIDGRIRDIKRGLINANLAHKTFVLSYAAKFSGNLYGPFRDAACSAPSNGDRKCYQLPPA
GRGLARRALERDMSEGADGIIVKPSTFYLDIMRDASEICKDLPICAYHVSGEYAMLHAAAEKGVVDLKTIAFESHQGFLR
AGARLIITYLAPEFLDWLDEEN
;
_entity_poly.pdbx_strand_id   A
#
loop_
_chem_comp.id
_chem_comp.type
_chem_comp.name
_chem_comp.formula
KAH non-polymer '5-AMINO-4-HYDROXYHEXANOIC ACID' 'C6 H13 N O3'
ZN non-polymer 'ZINC ION' 'Zn 2'
#
# COMPACT_ATOMS: atom_id res chain seq x y z
N MET A 1 53.25 -13.55 -30.44
CA MET A 1 52.50 -12.75 -29.47
C MET A 1 51.00 -12.77 -29.81
N HIS A 2 50.17 -12.96 -28.79
CA HIS A 2 48.74 -12.72 -28.96
C HIS A 2 48.53 -11.21 -29.01
N THR A 3 47.97 -10.69 -30.10
CA THR A 3 47.74 -9.27 -30.25
C THR A 3 46.24 -8.97 -30.35
N ALA A 4 45.86 -7.72 -30.14
CA ALA A 4 44.47 -7.29 -30.13
C ALA A 4 43.97 -7.11 -31.57
N GLU A 5 43.01 -7.98 -31.90
CA GLU A 5 42.38 -8.06 -33.20
C GLU A 5 41.18 -7.12 -33.27
N PHE A 6 41.10 -6.41 -34.36
CA PHE A 6 40.06 -5.45 -34.64
C PHE A 6 39.40 -5.79 -35.98
N LEU A 7 38.10 -6.12 -35.98
CA LEU A 7 37.48 -6.47 -37.25
C LEU A 7 37.18 -5.23 -38.08
N GLU A 8 37.23 -5.39 -39.39
CA GLU A 8 36.82 -4.34 -40.32
C GLU A 8 35.34 -3.99 -40.14
N THR A 9 35.07 -2.70 -39.91
CA THR A 9 33.68 -2.34 -39.61
C THR A 9 33.12 -1.39 -40.64
N GLU A 10 31.80 -1.30 -40.73
CA GLU A 10 31.09 -0.42 -41.66
C GLU A 10 30.74 0.89 -40.92
N PRO A 11 30.45 1.94 -41.65
CA PRO A 11 30.12 3.21 -41.01
C PRO A 11 28.92 3.02 -40.07
N THR A 12 28.89 3.81 -39.02
CA THR A 12 27.85 3.74 -38.00
C THR A 12 26.47 3.94 -38.62
N GLU A 13 25.49 3.11 -38.26
CA GLU A 13 24.13 3.41 -38.72
C GLU A 13 23.48 4.36 -37.73
N ILE A 14 22.77 5.38 -38.21
CA ILE A 14 22.10 6.33 -37.32
C ILE A 14 21.16 5.57 -36.35
N SER A 15 20.46 4.59 -36.86
CA SER A 15 19.56 3.76 -36.03
C SER A 15 20.24 3.10 -34.85
N SER A 16 21.55 2.88 -34.86
CA SER A 16 22.24 2.29 -33.73
C SER A 16 22.51 3.24 -32.57
N VAL A 17 22.47 4.57 -32.79
CA VAL A 17 23.01 5.53 -31.85
C VAL A 17 21.93 6.11 -30.92
N LEU A 18 21.95 5.54 -29.72
CA LEU A 18 21.09 5.99 -28.62
C LEU A 18 21.75 6.95 -27.66
N ALA A 19 23.10 6.99 -27.62
CA ALA A 19 23.89 7.63 -26.58
C ALA A 19 23.70 9.14 -26.44
N GLY A 20 23.31 9.81 -27.52
CA GLY A 20 23.05 11.23 -27.50
C GLY A 20 21.91 11.56 -26.54
N GLY A 21 21.10 10.58 -26.14
CA GLY A 21 20.06 10.92 -25.20
C GLY A 21 20.39 10.78 -23.73
N TYR A 22 21.55 10.27 -23.31
CA TYR A 22 21.71 10.11 -21.86
C TYR A 22 23.14 10.31 -21.36
N ASN A 23 23.83 11.25 -22.01
CA ASN A 23 25.24 11.47 -21.67
C ASN A 23 25.50 12.55 -20.66
N HIS A 24 24.52 13.08 -19.94
CA HIS A 24 24.64 14.16 -18.96
C HIS A 24 23.64 13.91 -17.83
N PRO A 25 23.96 14.30 -16.60
CA PRO A 25 23.06 14.11 -15.47
C PRO A 25 21.66 14.65 -15.70
N LEU A 26 21.51 15.81 -16.34
CA LEU A 26 20.16 16.33 -16.55
C LEU A 26 19.35 15.44 -17.50
N LEU A 27 20.00 14.86 -18.51
CA LEU A 27 19.35 14.01 -19.49
C LEU A 27 18.82 12.75 -18.81
N ARG A 28 19.54 12.28 -17.81
CA ARG A 28 19.03 11.04 -17.19
C ARG A 28 17.74 11.39 -16.49
N GLN A 29 17.46 12.63 -16.12
CA GLN A 29 16.18 13.11 -15.64
C GLN A 29 15.14 13.31 -16.74
N TRP A 30 15.51 13.93 -17.86
CA TRP A 30 14.70 14.06 -19.05
C TRP A 30 14.16 12.70 -19.50
N GLN A 31 14.90 11.62 -19.27
CA GLN A 31 14.55 10.31 -19.79
C GLN A 31 13.48 9.66 -18.91
N SER A 32 13.21 10.25 -17.75
CA SER A 32 12.17 9.68 -16.90
C SER A 32 10.79 10.07 -17.38
N GLU A 33 9.86 9.12 -17.45
CA GLU A 33 8.52 9.51 -17.85
C GLU A 33 7.74 10.06 -16.64
N ARG A 34 8.24 9.82 -15.44
CA ARG A 34 7.61 10.42 -14.24
C ARG A 34 8.64 10.58 -13.11
N GLN A 35 8.73 11.82 -12.61
CA GLN A 35 9.66 12.12 -11.53
C GLN A 35 9.02 12.00 -10.16
N LEU A 36 9.78 11.52 -9.20
CA LEU A 36 9.33 11.38 -7.81
C LEU A 36 9.14 12.74 -7.15
N THR A 37 7.95 13.03 -6.62
CA THR A 37 7.69 14.23 -5.82
C THR A 37 7.07 13.79 -4.48
N LYS A 38 7.14 14.71 -3.52
CA LYS A 38 6.65 14.48 -2.17
C LYS A 38 5.17 14.08 -2.12
N ASN A 39 4.36 14.71 -2.92
CA ASN A 39 2.90 14.47 -2.83
C ASN A 39 2.50 13.08 -3.33
N MET A 40 3.45 12.34 -3.90
CA MET A 40 3.14 10.99 -4.34
C MET A 40 3.22 9.98 -3.20
N LEU A 41 3.76 10.42 -2.07
CA LEU A 41 4.07 9.57 -0.96
C LEU A 41 2.88 9.38 0.00
N ILE A 42 2.65 8.12 0.34
CA ILE A 42 1.64 7.75 1.35
C ILE A 42 2.30 6.95 2.44
N PHE A 43 2.20 7.42 3.69
CA PHE A 43 2.86 6.79 4.81
C PHE A 43 1.90 6.00 5.73
N PRO A 44 2.11 4.73 5.89
CA PRO A 44 1.28 3.94 6.83
C PRO A 44 1.53 4.33 8.28
N LEU A 45 0.42 4.33 9.03
CA LEU A 45 0.39 4.50 10.48
C LEU A 45 -0.32 3.30 11.10
N PHE A 46 0.29 2.71 12.11
CA PHE A 46 -0.25 1.62 12.89
C PHE A 46 -0.78 2.16 14.21
N ILE A 47 -2.11 2.30 14.33
CA ILE A 47 -2.65 2.96 15.52
C ILE A 47 -3.10 1.94 16.55
N SER A 48 -2.51 2.08 17.74
CA SER A 48 -2.77 1.24 18.89
C SER A 48 -4.03 1.68 19.63
N ASP A 49 -4.68 0.75 20.34
CA ASP A 49 -5.78 1.20 21.21
C ASP A 49 -5.28 1.53 22.61
N ASN A 50 -3.99 1.54 22.85
CA ASN A 50 -3.40 2.18 24.03
C ASN A 50 -2.96 3.57 23.61
N PRO A 51 -3.71 4.58 24.02
CA PRO A 51 -3.51 5.95 23.54
C PRO A 51 -2.11 6.49 23.82
N ASP A 52 -1.34 5.86 24.70
CA ASP A 52 -0.01 6.40 25.00
C ASP A 52 1.10 5.55 24.41
N ASP A 53 0.75 4.58 23.59
CA ASP A 53 1.65 3.70 22.87
C ASP A 53 2.58 4.47 21.93
N PHE A 54 3.80 3.98 21.87
CA PHE A 54 4.84 4.35 20.93
C PHE A 54 5.90 3.26 20.89
N THR A 55 5.45 2.08 20.47
CA THR A 55 6.17 0.83 20.55
C THR A 55 6.84 0.49 19.22
N GLU A 56 8.16 0.34 19.26
CA GLU A 56 8.87 -0.01 18.03
C GLU A 56 8.50 -1.43 17.61
N ILE A 57 8.28 -1.64 16.33
CA ILE A 57 7.94 -2.96 15.77
C ILE A 57 9.21 -3.63 15.28
N ASP A 58 9.69 -4.61 16.01
CA ASP A 58 11.00 -5.20 15.90
C ASP A 58 11.42 -5.38 14.45
N SER A 59 10.61 -6.14 13.73
CA SER A 59 10.88 -6.61 12.40
C SER A 59 10.72 -5.53 11.33
N LEU A 60 10.14 -4.39 11.70
CA LEU A 60 9.91 -3.30 10.75
C LEU A 60 10.68 -2.08 11.22
N PRO A 61 11.91 -1.94 10.72
CA PRO A 61 12.85 -0.94 11.22
C PRO A 61 12.31 0.48 11.23
N ASN A 62 12.56 1.19 12.32
CA ASN A 62 12.22 2.59 12.44
C ASN A 62 10.71 2.84 12.40
N ILE A 63 9.89 1.81 12.49
CA ILE A 63 8.43 1.99 12.46
C ILE A 63 7.83 1.61 13.81
N ASN A 64 6.92 2.41 14.35
CA ASN A 64 6.29 2.10 15.63
C ASN A 64 4.78 1.86 15.55
N ARG A 65 4.23 1.21 16.57
CA ARG A 65 2.80 1.21 16.83
C ARG A 65 2.50 2.40 17.73
N ILE A 66 1.53 3.23 17.40
CA ILE A 66 1.37 4.51 18.08
C ILE A 66 -0.06 4.76 18.52
N GLY A 67 -0.22 5.22 19.77
CA GLY A 67 -1.51 5.66 20.25
C GLY A 67 -1.77 7.11 19.96
N VAL A 68 -3.05 7.50 20.02
CA VAL A 68 -3.52 8.82 19.64
C VAL A 68 -2.84 9.96 20.38
N ASN A 69 -2.57 9.78 21.66
CA ASN A 69 -1.94 10.85 22.43
C ASN A 69 -0.45 10.98 22.10
N ARG A 70 0.06 10.18 21.16
CA ARG A 70 1.44 10.30 20.72
C ARG A 70 1.55 10.78 19.27
N LEU A 71 0.42 10.87 18.60
CA LEU A 71 0.34 11.16 17.17
C LEU A 71 0.71 12.58 16.78
N LYS A 72 0.38 13.58 17.61
CA LYS A 72 0.67 14.96 17.22
C LYS A 72 2.17 15.17 17.08
N ASP A 73 2.95 14.77 18.08
CA ASP A 73 4.38 14.93 18.12
C ASP A 73 5.11 14.13 17.04
N TYR A 74 4.49 13.03 16.61
CA TYR A 74 5.05 12.19 15.58
C TYR A 74 4.79 12.74 14.19
N LEU A 75 3.56 13.20 13.94
CA LEU A 75 3.17 13.67 12.62
C LEU A 75 3.63 15.09 12.38
N LYS A 76 3.88 15.88 13.44
CA LYS A 76 4.20 17.29 13.22
C LYS A 76 5.42 17.50 12.32
N PRO A 77 6.56 16.94 12.60
CA PRO A 77 7.71 17.20 11.70
C PRO A 77 7.48 16.62 10.30
N LEU A 78 6.71 15.54 10.21
CA LEU A 78 6.44 14.94 8.90
C LEU A 78 5.59 15.83 8.03
N VAL A 79 4.48 16.36 8.55
CA VAL A 79 3.62 17.26 7.79
C VAL A 79 4.41 18.52 7.44
N ALA A 80 5.25 18.97 8.37
CA ALA A 80 6.04 20.17 8.13
C ALA A 80 7.00 20.00 6.95
N LYS A 81 7.52 18.80 6.75
CA LYS A 81 8.41 18.46 5.65
C LYS A 81 7.67 18.03 4.40
N GLY A 82 6.34 18.15 4.33
CA GLY A 82 5.64 17.93 3.09
C GLY A 82 4.76 16.71 2.97
N LEU A 83 4.57 15.95 4.05
CA LEU A 83 3.71 14.77 4.00
C LEU A 83 2.28 15.19 3.66
N ARG A 84 1.68 14.53 2.66
CA ARG A 84 0.35 14.86 2.20
C ARG A 84 -0.70 13.79 2.55
N SER A 85 -0.33 12.56 2.79
CA SER A 85 -1.29 11.49 2.97
C SER A 85 -0.78 10.38 3.88
N VAL A 86 -1.71 9.77 4.63
CA VAL A 86 -1.39 8.63 5.47
C VAL A 86 -2.42 7.53 5.23
N ILE A 87 -2.05 6.30 5.47
CA ILE A 87 -2.96 5.17 5.42
C ILE A 87 -2.95 4.46 6.79
N LEU A 88 -4.17 4.40 7.35
CA LEU A 88 -4.29 3.93 8.72
C LEU A 88 -4.63 2.44 8.80
N PHE A 89 -3.94 1.82 9.74
CA PHE A 89 -4.13 0.45 10.14
C PHE A 89 -4.41 0.44 11.66
N GLY A 90 -5.46 -0.27 12.03
CA GLY A 90 -5.80 -0.41 13.45
C GLY A 90 -5.16 -1.66 14.03
N VAL A 91 -4.56 -1.51 15.22
CA VAL A 91 -4.02 -2.63 15.95
C VAL A 91 -4.63 -2.72 17.35
N PRO A 92 -5.90 -3.08 17.50
CA PRO A 92 -6.45 -3.16 18.88
C PRO A 92 -5.82 -4.27 19.70
N LEU A 93 -5.20 -3.92 20.85
CA LEU A 93 -4.58 -4.97 21.66
C LEU A 93 -5.39 -5.29 22.91
N ILE A 94 -6.39 -4.50 23.24
CA ILE A 94 -7.21 -4.84 24.43
C ILE A 94 -7.87 -6.19 24.24
N PRO A 95 -7.77 -7.10 25.22
CA PRO A 95 -8.38 -8.43 25.12
C PRO A 95 -9.90 -8.40 24.96
N GLY A 96 -10.40 -9.44 24.29
CA GLY A 96 -11.81 -9.67 24.07
C GLY A 96 -12.37 -8.71 23.04
N THR A 97 -11.47 -8.15 22.23
CA THR A 97 -11.88 -7.22 21.18
C THR A 97 -12.20 -7.96 19.89
N LYS A 98 -11.37 -8.91 19.49
CA LYS A 98 -11.54 -9.70 18.27
C LYS A 98 -12.67 -10.72 18.36
N ASP A 99 -13.45 -10.86 17.29
CA ASP A 99 -14.49 -11.88 17.26
C ASP A 99 -14.66 -12.40 15.83
N PRO A 100 -15.43 -13.45 15.59
CA PRO A 100 -15.59 -13.99 14.23
C PRO A 100 -16.13 -13.03 13.18
N VAL A 101 -16.86 -11.97 13.52
CA VAL A 101 -17.35 -11.10 12.45
C VAL A 101 -16.61 -9.76 12.42
N GLY A 102 -15.51 -9.62 13.15
CA GLY A 102 -14.73 -8.38 13.12
C GLY A 102 -15.54 -7.19 13.57
N THR A 103 -16.37 -7.43 14.60
CA THR A 103 -17.21 -6.38 15.17
C THR A 103 -16.46 -5.08 15.44
N ALA A 104 -15.24 -5.18 15.96
CA ALA A 104 -14.49 -4.00 16.36
C ALA A 104 -13.88 -3.22 15.18
N ALA A 105 -13.95 -3.76 13.97
CA ALA A 105 -13.38 -3.07 12.81
C ALA A 105 -13.83 -1.62 12.72
N ASP A 106 -15.10 -1.33 12.96
CA ASP A 106 -15.64 0.02 12.91
C ASP A 106 -16.15 0.51 14.28
N ASP A 107 -15.55 0.03 15.34
CA ASP A 107 -15.87 0.56 16.68
C ASP A 107 -15.51 2.02 16.71
N PRO A 108 -16.45 2.92 16.98
CA PRO A 108 -16.17 4.34 17.09
C PRO A 108 -15.13 4.62 18.18
N ALA A 109 -14.92 3.71 19.12
CA ALA A 109 -13.94 3.87 20.17
C ALA A 109 -12.60 3.24 19.78
N GLY A 110 -12.56 2.60 18.61
CA GLY A 110 -11.37 1.89 18.20
C GLY A 110 -10.35 2.85 17.60
N PRO A 111 -9.14 2.34 17.41
CA PRO A 111 -8.03 3.20 17.01
C PRO A 111 -8.19 3.87 15.63
N VAL A 112 -8.77 3.19 14.64
CA VAL A 112 -8.95 3.83 13.32
C VAL A 112 -9.87 5.02 13.43
N ILE A 113 -11.10 4.87 13.93
CA ILE A 113 -11.96 6.06 13.96
C ILE A 113 -11.44 7.12 14.94
N GLN A 114 -10.79 6.70 16.03
CA GLN A 114 -10.19 7.69 16.94
C GLN A 114 -9.08 8.44 16.18
N GLY A 115 -8.30 7.68 15.42
CA GLY A 115 -7.23 8.28 14.61
C GLY A 115 -7.76 9.18 13.54
N ILE A 116 -8.84 8.81 12.84
CA ILE A 116 -9.47 9.72 11.89
C ILE A 116 -9.88 11.03 12.55
N LYS A 117 -10.55 10.93 13.70
CA LYS A 117 -11.05 12.12 14.39
C LYS A 117 -9.92 13.07 14.81
N PHE A 118 -8.86 12.52 15.39
CA PHE A 118 -7.68 13.27 15.80
C PHE A 118 -7.03 13.96 14.60
N ILE A 119 -6.81 13.17 13.55
CA ILE A 119 -6.14 13.75 12.38
C ILE A 119 -6.96 14.83 11.71
N ARG A 120 -8.26 14.63 11.54
CA ARG A 120 -9.15 15.61 10.95
C ARG A 120 -9.11 16.90 11.77
N GLU A 121 -8.86 16.81 13.07
CA GLU A 121 -8.88 18.03 13.88
C GLU A 121 -7.51 18.70 13.97
N TYR A 122 -6.48 17.90 14.17
CA TYR A 122 -5.14 18.43 14.37
C TYR A 122 -4.37 18.65 13.07
N PHE A 123 -4.70 17.92 12.02
CA PHE A 123 -4.02 18.06 10.72
C PHE A 123 -5.04 18.07 9.58
N PRO A 124 -5.87 19.09 9.58
CA PRO A 124 -7.03 19.19 8.71
C PRO A 124 -6.68 19.18 7.21
N GLU A 125 -5.41 19.38 6.88
CA GLU A 125 -5.02 19.33 5.46
C GLU A 125 -4.49 17.96 5.08
N LEU A 126 -4.23 17.08 6.04
CA LEU A 126 -3.74 15.74 5.70
C LEU A 126 -4.84 14.93 5.04
N TYR A 127 -4.55 14.24 3.95
CA TYR A 127 -5.49 13.33 3.26
C TYR A 127 -5.45 11.98 3.92
N ILE A 128 -6.58 11.51 4.46
CA ILE A 128 -6.65 10.28 5.22
C ILE A 128 -7.21 9.10 4.42
N ILE A 129 -6.41 8.08 4.28
CA ILE A 129 -6.78 6.79 3.74
C ILE A 129 -6.91 5.75 4.85
N CYS A 130 -7.98 4.95 4.83
CA CYS A 130 -8.05 3.81 5.75
C CYS A 130 -8.03 2.47 5.05
N ASP A 131 -7.14 1.60 5.47
CA ASP A 131 -7.19 0.21 5.05
C ASP A 131 -8.57 -0.33 5.45
N VAL A 132 -9.22 -1.07 4.57
CA VAL A 132 -10.48 -1.71 4.92
C VAL A 132 -10.32 -3.22 4.80
N CYS A 133 -10.37 -3.88 5.96
CA CYS A 133 -10.39 -5.32 6.03
C CYS A 133 -10.84 -5.80 7.42
N LEU A 134 -11.00 -7.11 7.54
CA LEU A 134 -11.39 -7.60 8.89
C LEU A 134 -10.25 -8.32 9.59
N CYS A 135 -9.12 -8.59 8.95
CA CYS A 135 -8.12 -9.49 9.50
C CYS A 135 -7.47 -8.97 10.79
N GLU A 136 -7.41 -7.65 11.03
CA GLU A 136 -6.85 -7.19 12.29
C GLU A 136 -7.86 -7.23 13.43
N TYR A 137 -9.06 -7.70 13.10
CA TYR A 137 -10.19 -7.68 14.03
C TYR A 137 -10.87 -9.01 14.18
N THR A 138 -10.47 -10.01 13.42
CA THR A 138 -11.10 -11.31 13.55
C THR A 138 -10.31 -12.21 14.49
N SER A 139 -11.06 -13.08 15.17
CA SER A 139 -10.39 -14.00 16.10
C SER A 139 -9.60 -15.05 15.33
N HIS A 140 -10.05 -15.43 14.15
CA HIS A 140 -9.35 -16.38 13.28
C HIS A 140 -8.22 -15.73 12.48
N GLY A 141 -8.15 -14.40 12.43
CA GLY A 141 -7.14 -13.67 11.70
C GLY A 141 -7.31 -13.61 10.20
N HIS A 142 -8.35 -14.22 9.64
CA HIS A 142 -8.56 -14.13 8.19
C HIS A 142 -9.21 -12.80 7.81
N CYS A 143 -9.18 -12.48 6.51
CA CYS A 143 -9.69 -11.19 6.06
C CYS A 143 -11.19 -11.07 5.90
N GLY A 144 -11.95 -12.16 5.88
CA GLY A 144 -13.40 -12.09 5.76
C GLY A 144 -14.16 -12.88 6.81
N VAL A 145 -15.48 -12.95 6.69
CA VAL A 145 -16.29 -13.81 7.57
C VAL A 145 -16.30 -15.25 7.05
N LEU A 146 -16.15 -16.26 7.90
CA LEU A 146 -15.95 -17.62 7.44
C LEU A 146 -17.17 -18.53 7.55
N TYR A 147 -17.24 -19.50 6.63
CA TYR A 147 -18.28 -20.54 6.74
C TYR A 147 -17.85 -21.49 7.86
N ASP A 148 -18.55 -22.57 8.16
CA ASP A 148 -18.00 -23.38 9.25
C ASP A 148 -16.73 -24.09 8.82
N ASP A 149 -16.67 -24.44 7.52
CA ASP A 149 -15.51 -25.20 7.08
C ASP A 149 -14.26 -24.34 6.91
N GLY A 150 -14.26 -23.12 7.42
CA GLY A 150 -13.12 -22.23 7.44
C GLY A 150 -12.87 -21.53 6.13
N THR A 151 -13.76 -21.77 5.18
CA THR A 151 -13.64 -21.04 3.91
C THR A 151 -14.32 -19.69 4.04
N ILE A 152 -13.92 -18.75 3.19
CA ILE A 152 -14.56 -17.44 3.31
C ILE A 152 -15.97 -17.49 2.74
N ASN A 153 -16.88 -16.87 3.50
CA ASN A 153 -18.26 -16.60 3.07
C ASN A 153 -18.35 -15.29 2.32
N ARG A 154 -18.47 -15.33 1.00
CA ARG A 154 -18.38 -14.10 0.20
C ARG A 154 -19.45 -13.10 0.60
N GLU A 155 -20.72 -13.50 0.60
CA GLU A 155 -21.83 -12.55 0.75
C GLU A 155 -21.75 -11.84 2.09
N ARG A 156 -21.55 -12.59 3.16
CA ARG A 156 -21.49 -12.02 4.50
C ARG A 156 -20.25 -11.14 4.69
N SER A 157 -19.15 -11.55 4.08
CA SER A 157 -17.92 -10.76 4.12
C SER A 157 -18.09 -9.42 3.42
N VAL A 158 -18.59 -9.41 2.18
CA VAL A 158 -18.69 -8.13 1.47
C VAL A 158 -19.71 -7.22 2.16
N SER A 159 -20.72 -7.82 2.79
CA SER A 159 -21.71 -7.00 3.51
C SER A 159 -21.10 -6.31 4.72
N ARG A 160 -20.29 -7.06 5.46
CA ARG A 160 -19.55 -6.54 6.60
C ARG A 160 -18.50 -5.52 6.15
N LEU A 161 -17.74 -5.85 5.11
CA LEU A 161 -16.75 -4.88 4.62
C LEU A 161 -17.38 -3.60 4.12
N ALA A 162 -18.51 -3.64 3.42
CA ALA A 162 -19.14 -2.42 2.91
C ALA A 162 -19.51 -1.53 4.09
N ALA A 163 -20.04 -2.18 5.15
CA ALA A 163 -20.33 -1.38 6.34
C ALA A 163 -19.13 -0.70 6.95
N VAL A 164 -18.01 -1.41 7.09
CA VAL A 164 -16.79 -0.88 7.70
C VAL A 164 -16.32 0.30 6.86
N ALA A 165 -16.26 0.10 5.54
CA ALA A 165 -15.82 1.20 4.68
C ALA A 165 -16.68 2.43 4.79
N VAL A 166 -18.00 2.29 4.72
CA VAL A 166 -18.92 3.42 4.85
C VAL A 166 -18.74 4.09 6.21
N ASN A 167 -18.56 3.29 7.26
CA ASN A 167 -18.43 3.88 8.60
C ASN A 167 -17.16 4.68 8.76
N TYR A 168 -16.03 4.22 8.18
CA TYR A 168 -14.82 5.04 8.15
C TYR A 168 -15.04 6.37 7.44
N ALA A 169 -15.72 6.34 6.28
CA ALA A 169 -16.07 7.53 5.52
C ALA A 169 -16.97 8.44 6.36
N LYS A 170 -17.97 7.84 7.01
CA LYS A 170 -18.85 8.64 7.88
C LYS A 170 -18.06 9.36 8.96
N ALA A 171 -17.02 8.76 9.49
CA ALA A 171 -16.19 9.29 10.58
C ALA A 171 -15.23 10.35 10.07
N GLY A 172 -15.06 10.38 8.72
CA GLY A 172 -14.16 11.41 8.23
C GLY A 172 -13.06 10.93 7.30
N ALA A 173 -12.92 9.64 7.07
CA ALA A 173 -11.84 9.27 6.13
C ALA A 173 -12.13 9.79 4.74
N HIS A 174 -11.10 10.29 4.04
CA HIS A 174 -11.32 10.73 2.67
C HIS A 174 -11.33 9.58 1.66
N CYS A 175 -10.67 8.49 2.01
CA CYS A 175 -10.37 7.40 1.09
C CYS A 175 -10.43 6.05 1.78
N VAL A 176 -11.06 5.05 1.16
CA VAL A 176 -11.11 3.71 1.72
C VAL A 176 -10.38 2.75 0.76
N ALA A 177 -9.58 1.88 1.35
CA ALA A 177 -8.68 1.01 0.57
C ALA A 177 -8.87 -0.43 1.00
N PRO A 178 -9.83 -1.09 0.35
CA PRO A 178 -10.17 -2.49 0.66
C PRO A 178 -9.04 -3.44 0.27
N SER A 179 -8.44 -4.12 1.23
CA SER A 179 -7.30 -5.01 1.09
C SER A 179 -7.63 -6.48 1.22
N ASP A 180 -8.92 -6.80 1.23
CA ASP A 180 -9.41 -8.14 1.47
C ASP A 180 -9.37 -9.09 0.29
N MET A 181 -9.38 -8.56 -0.93
CA MET A 181 -9.37 -9.36 -2.16
C MET A 181 -10.59 -10.24 -2.30
N ILE A 182 -11.68 -10.07 -1.52
CA ILE A 182 -12.82 -10.98 -1.69
C ILE A 182 -13.69 -10.58 -2.89
N ASP A 183 -14.04 -11.54 -3.72
CA ASP A 183 -14.76 -11.34 -4.98
C ASP A 183 -15.95 -10.39 -4.83
N GLY A 184 -15.96 -9.33 -5.62
CA GLY A 184 -17.01 -8.34 -5.70
C GLY A 184 -17.12 -7.35 -4.57
N ARG A 185 -16.14 -7.27 -3.65
CA ARG A 185 -16.32 -6.31 -2.57
C ARG A 185 -16.34 -4.86 -3.05
N ILE A 186 -15.63 -4.50 -4.14
CA ILE A 186 -15.69 -3.10 -4.56
C ILE A 186 -17.10 -2.68 -4.91
N ARG A 187 -17.89 -3.48 -5.62
CA ARG A 187 -19.25 -3.13 -6.00
C ARG A 187 -20.08 -2.77 -4.76
N ASP A 188 -19.97 -3.66 -3.78
CA ASP A 188 -20.75 -3.48 -2.54
C ASP A 188 -20.32 -2.27 -1.75
N ILE A 189 -19.01 -2.00 -1.68
CA ILE A 189 -18.53 -0.79 -1.02
C ILE A 189 -18.97 0.47 -1.74
N LYS A 190 -18.92 0.50 -3.06
CA LYS A 190 -19.34 1.65 -3.85
C LYS A 190 -20.83 1.93 -3.69
N ARG A 191 -21.62 0.87 -3.75
CA ARG A 191 -23.08 0.99 -3.58
C ARG A 191 -23.33 1.51 -2.16
N GLY A 192 -22.59 0.99 -1.19
CA GLY A 192 -22.70 1.45 0.19
C GLY A 192 -22.48 2.93 0.32
N LEU A 193 -21.39 3.40 -0.30
CA LEU A 193 -21.09 4.82 -0.26
C LEU A 193 -22.17 5.62 -0.98
N ILE A 194 -22.68 5.13 -2.11
CA ILE A 194 -23.74 5.82 -2.85
C ILE A 194 -24.98 5.97 -1.95
N ASN A 195 -25.33 4.87 -1.30
CA ASN A 195 -26.53 4.92 -0.45
C ASN A 195 -26.35 5.85 0.74
N ALA A 196 -25.14 6.08 1.19
CA ALA A 196 -24.80 6.92 2.33
C ALA A 196 -24.56 8.38 1.93
N ASN A 197 -24.75 8.71 0.64
CA ASN A 197 -24.46 10.04 0.14
C ASN A 197 -23.00 10.44 0.34
N LEU A 198 -22.08 9.50 0.20
CA LEU A 198 -20.65 9.77 0.40
C LEU A 198 -19.80 9.37 -0.82
N ALA A 199 -20.41 8.84 -1.87
CA ALA A 199 -19.58 8.38 -2.99
C ALA A 199 -18.94 9.56 -3.74
N HIS A 200 -19.51 10.75 -3.67
CA HIS A 200 -18.94 11.90 -4.38
C HIS A 200 -17.79 12.53 -3.59
N LYS A 201 -17.50 12.08 -2.38
CA LYS A 201 -16.50 12.55 -1.45
C LYS A 201 -15.41 11.53 -1.10
N THR A 202 -15.63 10.27 -1.48
CA THR A 202 -14.81 9.18 -0.98
C THR A 202 -14.10 8.46 -2.13
N PHE A 203 -12.77 8.59 -2.12
CA PHE A 203 -12.01 7.85 -3.13
C PHE A 203 -11.93 6.39 -2.77
N VAL A 204 -12.25 5.50 -3.71
CA VAL A 204 -12.11 4.07 -3.54
C VAL A 204 -10.80 3.57 -4.19
N LEU A 205 -9.87 3.27 -3.31
CA LEU A 205 -8.51 2.82 -3.70
C LEU A 205 -8.40 1.32 -3.48
N SER A 206 -8.75 0.55 -4.52
CA SER A 206 -8.77 -0.89 -4.36
C SER A 206 -7.39 -1.51 -4.40
N TYR A 207 -7.12 -2.39 -3.44
CA TYR A 207 -6.02 -3.32 -3.65
C TYR A 207 -6.50 -4.38 -4.65
N ALA A 208 -6.33 -4.05 -5.95
CA ALA A 208 -6.96 -4.90 -6.94
C ALA A 208 -6.06 -6.10 -7.23
N ALA A 209 -4.74 -5.82 -7.26
CA ALA A 209 -3.81 -6.91 -7.49
C ALA A 209 -2.91 -7.08 -6.27
N LYS A 210 -3.40 -7.86 -5.31
CA LYS A 210 -2.65 -8.18 -4.09
C LYS A 210 -2.30 -9.66 -4.10
N PHE A 211 -1.00 -9.98 -4.06
CA PHE A 211 -0.55 -11.35 -4.23
C PHE A 211 -0.21 -12.01 -2.90
N SER A 212 -0.47 -13.32 -2.84
CA SER A 212 0.00 -14.11 -1.73
C SER A 212 1.51 -14.33 -1.88
N GLY A 213 2.24 -14.53 -0.78
CA GLY A 213 3.67 -14.79 -0.94
C GLY A 213 4.45 -14.60 0.35
N ASN A 214 5.76 -14.51 0.18
CA ASN A 214 6.69 -14.49 1.32
C ASN A 214 7.10 -13.10 1.76
N LEU A 215 6.46 -12.00 1.36
CA LEU A 215 6.97 -10.68 1.62
C LEU A 215 6.18 -9.91 2.67
N TYR A 216 5.30 -10.63 3.39
CA TYR A 216 4.53 -9.92 4.42
C TYR A 216 4.93 -10.24 5.86
N GLY A 217 6.05 -10.93 6.04
CA GLY A 217 6.56 -11.31 7.33
C GLY A 217 6.39 -10.29 8.44
N PRO A 218 7.13 -9.19 8.37
CA PRO A 218 7.15 -8.22 9.47
C PRO A 218 5.81 -7.48 9.62
N PHE A 219 4.92 -7.51 8.63
CA PHE A 219 3.62 -6.86 8.80
C PHE A 219 2.81 -7.56 9.90
N ARG A 220 2.92 -8.88 9.90
CA ARG A 220 2.29 -9.78 10.85
C ARG A 220 2.74 -9.57 12.29
N ASP A 221 3.74 -8.72 12.50
CA ASP A 221 4.24 -8.34 13.80
C ASP A 221 3.88 -6.90 14.14
N ALA A 222 3.47 -6.10 13.16
CA ALA A 222 3.15 -4.72 13.50
C ALA A 222 1.66 -4.53 13.68
N ALA A 223 0.85 -5.37 13.06
CA ALA A 223 -0.60 -5.16 13.11
C ALA A 223 -1.29 -6.38 13.72
N CYS A 224 -0.48 -7.32 14.18
CA CYS A 224 -0.87 -8.57 14.82
C CYS A 224 -2.03 -9.24 14.09
N SER A 225 -1.88 -9.34 12.78
CA SER A 225 -2.81 -9.91 11.83
C SER A 225 -2.27 -11.21 11.24
N ALA A 226 -2.34 -12.28 12.01
CA ALA A 226 -1.91 -13.60 11.55
C ALA A 226 -3.13 -14.48 11.30
N PRO A 227 -3.13 -15.26 10.22
CA PRO A 227 -4.30 -16.06 9.88
C PRO A 227 -4.68 -17.04 11.00
N SER A 228 -4.89 -18.28 10.61
CA SER A 228 -5.31 -19.39 11.45
C SER A 228 -5.95 -20.49 10.60
N ASN A 229 -5.34 -21.67 10.61
CA ASN A 229 -5.90 -22.81 9.87
C ASN A 229 -6.14 -22.46 8.40
N GLY A 230 -5.30 -22.99 7.55
CA GLY A 230 -5.25 -22.68 6.14
C GLY A 230 -4.32 -21.49 5.88
N ASP A 231 -4.34 -20.97 4.66
CA ASP A 231 -3.51 -19.85 4.26
C ASP A 231 -4.32 -18.80 3.51
N ARG A 232 -3.64 -17.74 3.08
CA ARG A 232 -4.32 -16.65 2.37
C ARG A 232 -4.41 -16.95 0.87
N LYS A 233 -3.84 -18.06 0.44
CA LYS A 233 -3.74 -18.41 -0.97
C LYS A 233 -5.08 -18.69 -1.65
N CYS A 234 -6.20 -18.56 -0.97
CA CYS A 234 -7.46 -18.81 -1.70
C CYS A 234 -8.16 -17.51 -2.07
N TYR A 235 -7.65 -16.39 -1.57
CA TYR A 235 -8.18 -15.10 -2.04
C TYR A 235 -7.04 -14.20 -2.53
N GLN A 236 -5.92 -14.17 -1.82
CA GLN A 236 -4.76 -13.45 -2.36
C GLN A 236 -4.34 -14.14 -3.64
N LEU A 237 -3.86 -13.40 -4.65
CA LEU A 237 -3.61 -14.08 -5.93
C LEU A 237 -2.34 -14.92 -5.88
N PRO A 238 -2.29 -16.03 -6.60
CA PRO A 238 -1.05 -16.81 -6.69
C PRO A 238 0.00 -15.96 -7.42
N PRO A 239 1.25 -15.99 -6.97
CA PRO A 239 2.29 -15.17 -7.62
C PRO A 239 2.38 -15.36 -9.13
N ALA A 240 2.13 -16.52 -9.71
CA ALA A 240 2.18 -16.77 -11.15
C ALA A 240 0.92 -16.30 -11.87
N GLY A 241 -0.05 -15.77 -11.13
CA GLY A 241 -1.36 -15.55 -11.72
C GLY A 241 -1.58 -14.23 -12.42
N ARG A 242 -0.82 -13.96 -13.50
CA ARG A 242 -1.03 -12.77 -14.29
C ARG A 242 -2.44 -12.62 -14.85
N GLY A 243 -3.02 -13.69 -15.39
CA GLY A 243 -4.38 -13.68 -15.97
C GLY A 243 -5.40 -13.27 -14.90
N LEU A 244 -5.32 -13.88 -13.73
CA LEU A 244 -6.21 -13.51 -12.62
C LEU A 244 -6.04 -12.06 -12.23
N ALA A 245 -4.78 -11.57 -12.18
CA ALA A 245 -4.52 -10.17 -11.84
C ALA A 245 -5.13 -9.23 -12.87
N ARG A 246 -4.97 -9.56 -14.15
CA ARG A 246 -5.53 -8.69 -15.19
C ARG A 246 -7.06 -8.65 -15.07
N ARG A 247 -7.65 -9.82 -14.80
CA ARG A 247 -9.11 -9.83 -14.64
C ARG A 247 -9.53 -9.08 -13.37
N ALA A 248 -8.77 -9.17 -12.30
CA ALA A 248 -9.09 -8.45 -11.05
C ALA A 248 -9.01 -6.95 -11.25
N LEU A 249 -8.01 -6.49 -12.02
CA LEU A 249 -7.89 -5.08 -12.31
C LEU A 249 -9.11 -4.57 -13.08
N GLU A 250 -9.49 -5.30 -14.12
CA GLU A 250 -10.66 -4.94 -14.92
C GLU A 250 -11.95 -4.95 -14.07
N ARG A 251 -12.10 -6.01 -13.31
CA ARG A 251 -13.25 -6.10 -12.40
C ARG A 251 -13.36 -4.90 -11.48
N ASP A 252 -12.32 -4.56 -10.72
CA ASP A 252 -12.42 -3.52 -9.70
C ASP A 252 -12.68 -2.16 -10.32
N MET A 253 -12.08 -1.91 -11.50
CA MET A 253 -12.40 -0.70 -12.24
C MET A 253 -13.89 -0.61 -12.56
N SER A 254 -14.43 -1.70 -13.04
CA SER A 254 -15.82 -1.83 -13.46
C SER A 254 -16.75 -1.57 -12.29
N GLU A 255 -16.32 -2.06 -11.14
CA GLU A 255 -17.15 -2.00 -9.92
C GLU A 255 -17.01 -0.68 -9.18
N GLY A 256 -16.24 0.31 -9.65
CA GLY A 256 -16.24 1.61 -9.01
C GLY A 256 -14.92 2.13 -8.47
N ALA A 257 -13.83 1.38 -8.61
CA ALA A 257 -12.54 1.83 -8.07
C ALA A 257 -12.13 3.14 -8.72
N ASP A 258 -11.73 4.12 -7.95
CA ASP A 258 -11.16 5.39 -8.42
C ASP A 258 -9.65 5.29 -8.66
N GLY A 259 -9.03 4.32 -8.04
CA GLY A 259 -7.59 4.07 -8.13
C GLY A 259 -7.31 2.65 -7.78
N ILE A 260 -6.10 2.16 -8.09
CA ILE A 260 -5.79 0.79 -7.75
C ILE A 260 -4.39 0.69 -7.14
N ILE A 261 -4.25 -0.29 -6.27
CA ILE A 261 -2.97 -0.65 -5.66
C ILE A 261 -2.52 -2.00 -6.16
N VAL A 262 -1.24 -2.08 -6.52
CA VAL A 262 -0.50 -3.30 -6.76
C VAL A 262 0.42 -3.59 -5.56
N LYS A 263 0.32 -4.79 -5.03
CA LYS A 263 1.02 -5.20 -3.80
C LYS A 263 1.36 -6.67 -3.83
N PRO A 264 2.60 -7.09 -3.54
CA PRO A 264 3.78 -6.22 -3.33
C PRO A 264 4.19 -5.44 -4.59
N SER A 265 5.38 -4.86 -4.65
CA SER A 265 5.68 -3.78 -5.59
C SER A 265 6.86 -4.16 -6.50
N THR A 266 8.07 -3.99 -5.99
CA THR A 266 9.25 -4.46 -6.72
C THR A 266 9.10 -5.83 -7.33
N PHE A 267 8.63 -6.85 -6.59
CA PHE A 267 8.57 -8.21 -7.12
C PHE A 267 7.40 -8.40 -8.09
N TYR A 268 6.58 -7.37 -8.31
CA TYR A 268 5.40 -7.39 -9.17
C TYR A 268 5.37 -6.19 -10.11
N LEU A 269 6.55 -5.64 -10.48
CA LEU A 269 6.58 -4.50 -11.38
C LEU A 269 5.91 -4.75 -12.73
N ASP A 270 5.95 -5.96 -13.26
CA ASP A 270 5.31 -6.33 -14.52
C ASP A 270 3.79 -6.19 -14.41
N ILE A 271 3.28 -6.45 -13.20
CA ILE A 271 1.82 -6.24 -13.02
C ILE A 271 1.44 -4.80 -12.96
N MET A 272 2.30 -3.92 -12.43
CA MET A 272 2.09 -2.49 -12.59
C MET A 272 2.04 -2.07 -14.04
N ARG A 273 2.95 -2.65 -14.85
CA ARG A 273 2.95 -2.31 -16.28
C ARG A 273 1.64 -2.80 -16.92
N ASP A 274 1.18 -4.01 -16.57
CA ASP A 274 -0.12 -4.50 -17.03
C ASP A 274 -1.22 -3.53 -16.60
N ALA A 275 -1.24 -3.11 -15.35
CA ALA A 275 -2.28 -2.19 -14.86
C ALA A 275 -2.24 -0.84 -15.58
N SER A 276 -1.05 -0.41 -15.99
CA SER A 276 -0.95 0.91 -16.64
C SER A 276 -1.67 0.91 -17.96
N GLU A 277 -1.91 -0.26 -18.57
CA GLU A 277 -2.71 -0.29 -19.80
C GLU A 277 -4.17 -0.52 -19.44
N ILE A 278 -4.43 -1.52 -18.61
CA ILE A 278 -5.82 -1.87 -18.27
C ILE A 278 -6.49 -0.71 -17.57
N CYS A 279 -5.78 -0.04 -16.66
CA CYS A 279 -6.29 1.05 -15.83
C CYS A 279 -5.65 2.38 -16.17
N LYS A 280 -5.50 2.57 -17.51
CA LYS A 280 -4.77 3.77 -17.94
C LYS A 280 -5.39 5.08 -17.52
N ASP A 281 -6.69 5.14 -17.30
CA ASP A 281 -7.28 6.40 -16.89
C ASP A 281 -7.35 6.59 -15.37
N LEU A 282 -6.85 5.64 -14.59
CA LEU A 282 -6.90 5.71 -13.13
C LEU A 282 -5.53 5.86 -12.48
N PRO A 283 -5.39 6.54 -11.34
CA PRO A 283 -4.15 6.48 -10.57
C PRO A 283 -3.79 5.06 -10.16
N ILE A 284 -2.54 4.65 -10.36
CA ILE A 284 -1.98 3.39 -9.92
C ILE A 284 -0.97 3.63 -8.79
N CYS A 285 -1.15 2.84 -7.73
CA CYS A 285 -0.38 2.95 -6.50
C CYS A 285 0.41 1.69 -6.24
N ALA A 286 1.70 1.85 -5.92
CA ALA A 286 2.58 0.78 -5.52
C ALA A 286 2.64 0.68 -3.99
N TYR A 287 2.56 -0.54 -3.47
CA TYR A 287 2.72 -0.73 -2.03
C TYR A 287 4.04 -1.49 -1.81
N HIS A 288 5.01 -0.71 -1.30
CA HIS A 288 6.30 -1.23 -0.86
C HIS A 288 6.13 -1.89 0.53
N VAL A 289 5.95 -3.20 0.46
CA VAL A 289 5.46 -3.93 1.64
C VAL A 289 6.57 -4.23 2.65
N SER A 290 6.12 -4.68 3.82
CA SER A 290 7.01 -4.90 4.95
C SER A 290 8.22 -5.74 4.61
N GLY A 291 8.05 -6.85 3.91
CA GLY A 291 9.13 -7.75 3.59
C GLY A 291 10.08 -7.11 2.58
N GLU A 292 9.55 -6.29 1.68
CA GLU A 292 10.41 -5.63 0.68
C GLU A 292 11.29 -4.59 1.36
N TYR A 293 10.71 -3.77 2.22
CA TYR A 293 11.32 -2.75 3.04
C TYR A 293 12.38 -3.35 3.93
N ALA A 294 12.04 -4.40 4.69
CA ALA A 294 12.99 -5.06 5.59
C ALA A 294 14.11 -5.73 4.82
N MET A 295 13.83 -6.19 3.61
CA MET A 295 14.83 -6.78 2.75
C MET A 295 15.91 -5.76 2.34
N LEU A 296 15.48 -4.55 2.00
CA LEU A 296 16.36 -3.44 1.65
C LEU A 296 17.24 -3.09 2.85
N HIS A 297 16.65 -2.95 4.03
CA HIS A 297 17.43 -2.71 5.24
C HIS A 297 18.44 -3.80 5.54
N ALA A 298 18.06 -5.06 5.48
CA ALA A 298 18.92 -6.20 5.70
C ALA A 298 20.12 -6.18 4.75
N ALA A 299 19.82 -5.99 3.46
CA ALA A 299 20.90 -5.96 2.47
C ALA A 299 21.83 -4.77 2.70
N ALA A 300 21.29 -3.61 3.05
CA ALA A 300 22.08 -2.41 3.27
C ALA A 300 22.97 -2.63 4.49
N GLU A 301 22.42 -3.23 5.54
CA GLU A 301 23.25 -3.39 6.73
C GLU A 301 24.31 -4.45 6.51
N LYS A 302 24.14 -5.32 5.51
CA LYS A 302 25.13 -6.34 5.20
C LYS A 302 26.17 -5.81 4.20
N GLY A 303 25.99 -4.60 3.70
CA GLY A 303 26.92 -4.01 2.77
C GLY A 303 26.66 -4.35 1.31
N VAL A 304 25.59 -5.05 1.00
CA VAL A 304 25.23 -5.44 -0.36
C VAL A 304 24.83 -4.25 -1.22
N VAL A 305 24.05 -3.32 -0.68
CA VAL A 305 23.63 -2.10 -1.33
C VAL A 305 23.70 -0.93 -0.37
N ASP A 306 23.63 0.28 -0.85
CA ASP A 306 23.45 1.52 -0.13
C ASP A 306 21.97 1.82 0.06
N LEU A 307 21.51 1.95 1.31
CA LEU A 307 20.09 2.18 1.55
C LEU A 307 19.46 3.32 0.77
N LYS A 308 20.02 4.54 0.77
CA LYS A 308 19.42 5.63 0.01
C LYS A 308 19.39 5.32 -1.48
N THR A 309 20.52 4.81 -1.97
CA THR A 309 20.63 4.51 -3.39
C THR A 309 19.55 3.51 -3.81
N ILE A 310 19.47 2.40 -3.12
CA ILE A 310 18.55 1.34 -3.55
C ILE A 310 17.13 1.78 -3.24
N ALA A 311 16.93 2.66 -2.26
CA ALA A 311 15.63 3.29 -2.06
C ALA A 311 15.17 4.04 -3.30
N PHE A 312 16.07 4.92 -3.80
CA PHE A 312 15.74 5.66 -5.00
C PHE A 312 15.55 4.75 -6.19
N GLU A 313 16.36 3.70 -6.30
CA GLU A 313 16.29 2.84 -7.48
C GLU A 313 14.93 2.13 -7.47
N SER A 314 14.63 1.48 -6.35
CA SER A 314 13.35 0.75 -6.30
C SER A 314 12.17 1.68 -6.47
N HIS A 315 12.16 2.83 -5.82
CA HIS A 315 10.98 3.69 -5.87
C HIS A 315 10.87 4.35 -7.25
N GLN A 316 11.97 4.73 -7.90
CA GLN A 316 11.87 5.16 -9.30
C GLN A 316 11.37 4.03 -10.18
N GLY A 317 11.63 2.79 -9.82
CA GLY A 317 11.18 1.60 -10.52
C GLY A 317 9.65 1.57 -10.57
N PHE A 318 9.03 1.85 -9.42
CA PHE A 318 7.58 1.92 -9.41
C PHE A 318 7.05 2.92 -10.44
N LEU A 319 7.61 4.12 -10.47
CA LEU A 319 7.17 5.18 -11.38
C LEU A 319 7.41 4.74 -12.83
N ARG A 320 8.58 4.19 -13.13
CA ARG A 320 8.84 3.69 -14.48
C ARG A 320 7.79 2.70 -14.97
N ALA A 321 7.39 1.75 -14.11
CA ALA A 321 6.41 0.73 -14.41
C ALA A 321 4.96 1.22 -14.49
N GLY A 322 4.69 2.47 -14.16
CA GLY A 322 3.40 3.07 -14.39
C GLY A 322 2.72 3.62 -13.15
N ALA A 323 3.18 3.29 -11.96
CA ALA A 323 2.58 3.92 -10.77
C ALA A 323 2.78 5.42 -10.71
N ARG A 324 1.86 6.15 -10.08
CA ARG A 324 2.04 7.56 -9.83
C ARG A 324 1.92 7.86 -8.33
N LEU A 325 1.74 6.80 -7.56
CA LEU A 325 1.60 6.90 -6.11
C LEU A 325 2.37 5.79 -5.44
N ILE A 326 2.88 6.03 -4.23
CA ILE A 326 3.62 5.04 -3.51
C ILE A 326 3.28 5.01 -2.01
N ILE A 327 2.84 3.84 -1.57
CA ILE A 327 2.74 3.58 -0.13
C ILE A 327 4.07 2.98 0.31
N THR A 328 4.76 3.68 1.19
CA THR A 328 6.09 3.27 1.61
C THR A 328 6.49 3.68 3.03
N TYR A 329 7.14 2.73 3.70
CA TYR A 329 7.69 2.92 5.04
C TYR A 329 8.92 3.80 5.02
N LEU A 330 9.43 4.13 3.82
CA LEU A 330 10.55 5.06 3.71
C LEU A 330 10.09 6.48 3.43
N ALA A 331 8.79 6.77 3.54
CA ALA A 331 8.35 8.13 3.34
C ALA A 331 9.09 9.13 4.23
N PRO A 332 9.38 8.89 5.50
CA PRO A 332 10.09 9.93 6.25
C PRO A 332 11.47 10.21 5.64
N GLU A 333 12.16 9.18 5.18
CA GLU A 333 13.48 9.40 4.57
C GLU A 333 13.36 10.22 3.31
N PHE A 334 12.38 9.92 2.45
CA PHE A 334 12.16 10.64 1.20
C PHE A 334 11.75 12.08 1.43
N LEU A 335 11.00 12.38 2.51
CA LEU A 335 10.63 13.77 2.74
C LEU A 335 11.88 14.60 3.03
N ASP A 336 12.94 13.95 3.48
CA ASP A 336 14.22 14.67 3.60
C ASP A 336 15.01 14.63 2.29
N TRP A 337 15.07 13.45 1.69
CA TRP A 337 15.91 13.25 0.51
C TRP A 337 15.45 14.07 -0.68
N LEU A 338 14.13 14.23 -0.85
CA LEU A 338 13.67 14.97 -2.02
C LEU A 338 13.92 16.48 -1.94
N ASP A 339 14.40 16.96 -0.81
CA ASP A 339 14.87 18.30 -0.59
C ASP A 339 16.24 18.56 -1.26
N GLU A 340 17.12 17.60 -1.02
CA GLU A 340 18.50 17.55 -1.47
C GLU A 340 18.55 17.36 -2.99
C4 KAH B . -0.97 -5.73 3.45
C5 KAH B . -2.44 -5.47 3.77
N5 KAH B . -2.76 -4.01 3.71
C6 KAH B . -2.83 -6.07 5.10
C3 KAH B . 0.07 -5.30 4.43
C2 KAH B . 1.20 -4.43 3.95
C1 KAH B . 2.58 -4.78 4.48
O1 KAH B . 3.47 -3.91 4.64
OH1 KAH B . 2.85 -5.97 4.76
OXT KAH B . -0.84 -7.18 3.11
ZN ZN C . -7.02 -8.46 5.55
#